data_9JB5
#
_entry.id   9JB5
#
_cell.length_a   52.944
_cell.length_b   139.413
_cell.length_c   83.292
_cell.angle_alpha   90.00
_cell.angle_beta   90.00
_cell.angle_gamma   90.00
#
_symmetry.space_group_name_H-M   'C 2 2 21'
#
loop_
_entity.id
_entity.type
_entity.pdbx_description
1 polymer 'Frataxin, mitochondrial'
2 water water
#
_entity_poly.entity_id   1
_entity_poly.type   'polypeptide(L)'
_entity_poly.pdbx_seq_one_letter_code
;MGSSHHHHHHSSGLVPRGSHMQEEEFHKLANFTINHLLEKIEDYGDNVQIDGFDIDYGNEVLTLKLGSLGTYVLNKQTPN
RQIWMSSPVSGPSRFDWDRDANAWIYRRTEAKLHKLLEEELENLCGEPIQLS
;
_entity_poly.pdbx_strand_id   A,B
#
# COMPACT_ATOMS: atom_id res chain seq x y z
N HIS A 10 -2.51 13.74 3.95
CA HIS A 10 -1.41 13.27 3.11
C HIS A 10 -0.07 13.57 3.76
N SER A 11 -0.10 13.79 5.09
CA SER A 11 1.10 14.07 5.85
C SER A 11 1.20 13.34 7.18
N SER A 12 0.10 12.88 7.77
CA SER A 12 0.13 12.15 9.01
C SER A 12 -0.05 10.65 8.77
N GLY A 13 0.39 9.85 9.73
CA GLY A 13 0.23 8.41 9.64
C GLY A 13 -0.50 7.83 10.84
N LEU A 14 0.26 7.20 11.73
CA LEU A 14 -0.32 6.65 12.95
C LEU A 14 -0.71 7.79 13.88
N VAL A 15 -2.02 7.96 14.09
CA VAL A 15 -2.56 9.04 14.90
C VAL A 15 -3.30 8.40 16.07
N PRO A 16 -3.05 8.80 17.31
CA PRO A 16 -3.70 8.15 18.45
C PRO A 16 -5.19 8.41 18.49
N ARG A 17 -5.92 7.43 19.01
CA ARG A 17 -7.37 7.52 19.14
C ARG A 17 -7.81 6.74 20.37
N GLY A 18 -8.90 7.19 20.98
CA GLY A 18 -9.36 6.63 22.24
C GLY A 18 -10.39 5.52 22.09
N SER A 19 -11.19 5.59 21.03
CA SER A 19 -12.16 4.53 20.72
C SER A 19 -11.43 3.42 19.99
N HIS A 20 -10.76 2.58 20.79
CA HIS A 20 -9.85 1.55 20.30
C HIS A 20 -10.57 0.20 20.28
N MET A 21 -10.93 -0.24 19.09
CA MET A 21 -11.38 -1.61 18.90
C MET A 21 -10.29 -2.58 19.33
N GLN A 22 -10.65 -3.55 20.18
CA GLN A 22 -9.68 -4.52 20.65
C GLN A 22 -9.08 -5.29 19.47
N GLU A 23 -7.77 -5.54 19.53
CA GLU A 23 -7.06 -6.17 18.43
C GLU A 23 -7.74 -7.45 17.95
N GLU A 24 -8.32 -8.21 18.86
CA GLU A 24 -8.94 -9.47 18.47
C GLU A 24 -10.15 -9.23 17.57
N GLU A 25 -11.00 -8.28 17.92
CA GLU A 25 -12.17 -7.98 17.11
C GLU A 25 -11.79 -7.39 15.76
N PHE A 26 -10.71 -6.60 15.71
CA PHE A 26 -10.29 -6.00 14.45
C PHE A 26 -9.84 -7.07 13.46
N HIS A 27 -9.15 -8.12 13.95
CA HIS A 27 -8.65 -9.16 13.06
C HIS A 27 -9.78 -9.98 12.45
N LYS A 28 -10.83 -10.25 13.22
CA LYS A 28 -11.97 -10.99 12.68
C LYS A 28 -12.60 -10.22 11.52
N LEU A 29 -13.02 -8.98 11.78
CA LEU A 29 -13.70 -8.19 10.76
C LEU A 29 -12.82 -7.98 9.54
N ALA A 30 -11.57 -7.59 9.76
CA ALA A 30 -10.67 -7.29 8.64
C ALA A 30 -10.33 -8.54 7.83
N ASN A 31 -10.07 -9.66 8.51
CA ASN A 31 -9.76 -10.90 7.79
C ASN A 31 -10.96 -11.38 6.98
N PHE A 32 -12.17 -11.25 7.52
CA PHE A 32 -13.35 -11.69 6.79
C PHE A 32 -13.60 -10.79 5.58
N THR A 33 -13.50 -9.47 5.77
CA THR A 33 -13.74 -8.54 4.68
C THR A 33 -12.74 -8.74 3.54
N ILE A 34 -11.46 -8.86 3.89
CA ILE A 34 -10.42 -9.00 2.86
C ILE A 34 -10.57 -10.32 2.12
N ASN A 35 -10.93 -11.39 2.84
CA ASN A 35 -11.11 -12.69 2.20
C ASN A 35 -12.28 -12.65 1.22
N HIS A 36 -13.40 -12.03 1.62
CA HIS A 36 -14.53 -11.86 0.72
C HIS A 36 -14.15 -11.12 -0.55
N LEU A 37 -13.37 -10.03 -0.41
CA LEU A 37 -12.97 -9.26 -1.58
C LEU A 37 -12.09 -10.09 -2.52
N LEU A 38 -11.19 -10.90 -1.98
CA LEU A 38 -10.29 -11.69 -2.81
C LEU A 38 -11.07 -12.69 -3.66
N GLU A 39 -12.08 -13.33 -3.06
CA GLU A 39 -12.85 -14.33 -3.80
C GLU A 39 -13.70 -13.70 -4.90
N LYS A 40 -14.34 -12.56 -4.61
CA LYS A 40 -15.26 -11.96 -5.57
C LYS A 40 -14.54 -11.27 -6.72
N ILE A 41 -13.40 -10.63 -6.44
CA ILE A 41 -12.63 -9.99 -7.51
C ILE A 41 -11.91 -11.03 -8.36
N GLU A 42 -11.67 -12.23 -7.82
CA GLU A 42 -11.10 -13.30 -8.62
C GLU A 42 -12.09 -13.79 -9.67
N ASP A 43 -13.36 -13.92 -9.28
CA ASP A 43 -14.40 -14.24 -10.26
C ASP A 43 -14.53 -13.16 -11.31
N TYR A 44 -14.35 -11.90 -10.90
CA TYR A 44 -14.46 -10.78 -11.84
C TYR A 44 -13.44 -10.91 -12.96
N GLY A 45 -12.23 -11.35 -12.63
CA GLY A 45 -11.19 -11.53 -13.64
C GLY A 45 -11.49 -12.63 -14.64
N ASP A 46 -12.32 -13.61 -14.26
CA ASP A 46 -12.70 -14.67 -15.18
C ASP A 46 -13.79 -14.23 -16.16
N ASN A 47 -14.63 -13.27 -15.78
CA ASN A 47 -15.74 -12.85 -16.63
C ASN A 47 -15.43 -11.62 -17.46
N VAL A 48 -14.31 -10.94 -17.19
CA VAL A 48 -13.81 -9.88 -18.05
C VAL A 48 -12.38 -10.26 -18.44
N GLN A 49 -11.89 -9.66 -19.51
CA GLN A 49 -10.53 -9.90 -19.99
C GLN A 49 -9.74 -8.59 -19.93
N ILE A 50 -8.95 -8.45 -18.88
CA ILE A 50 -8.03 -7.33 -18.70
C ILE A 50 -6.63 -7.86 -18.93
N ASP A 51 -5.95 -7.32 -19.95
CA ASP A 51 -4.59 -7.73 -20.24
C ASP A 51 -3.69 -7.38 -19.05
N GLY A 52 -3.15 -8.41 -18.41
CA GLY A 52 -2.33 -8.23 -17.23
C GLY A 52 -3.08 -8.32 -15.93
N PHE A 53 -4.27 -8.91 -15.91
CA PHE A 53 -5.03 -9.08 -14.68
C PHE A 53 -4.29 -10.04 -13.74
N ASP A 54 -4.20 -9.68 -12.47
CA ASP A 54 -3.52 -10.50 -11.48
C ASP A 54 -3.89 -10.02 -10.08
N ILE A 55 -4.59 -10.87 -9.33
CA ILE A 55 -4.91 -10.59 -7.94
C ILE A 55 -4.21 -11.63 -7.08
N ASP A 56 -3.73 -11.21 -5.92
CA ASP A 56 -2.96 -12.09 -5.05
C ASP A 56 -2.93 -11.50 -3.65
N TYR A 57 -2.62 -12.35 -2.68
CA TYR A 57 -2.52 -11.96 -1.28
C TYR A 57 -1.27 -12.58 -0.67
N GLY A 58 -0.56 -11.80 0.14
CA GLY A 58 0.66 -12.28 0.77
C GLY A 58 1.29 -11.26 1.69
N ASN A 59 1.75 -11.71 2.87
CA ASN A 59 2.36 -10.84 3.87
C ASN A 59 1.42 -9.70 4.27
N GLU A 60 0.13 -10.02 4.35
CA GLU A 60 -0.93 -9.13 4.82
C GLU A 60 -1.23 -7.98 3.87
N VAL A 61 -0.89 -8.11 2.59
CA VAL A 61 -1.24 -7.11 1.59
C VAL A 61 -1.98 -7.78 0.45
N LEU A 62 -3.03 -7.13 -0.03
CA LEU A 62 -3.82 -7.60 -1.16
C LEU A 62 -3.46 -6.76 -2.37
N THR A 63 -3.13 -7.42 -3.48
CA THR A 63 -2.64 -6.75 -4.67
C THR A 63 -3.49 -7.12 -5.87
N LEU A 64 -4.02 -6.10 -6.55
CA LEU A 64 -4.79 -6.27 -7.77
C LEU A 64 -4.11 -5.49 -8.89
N LYS A 65 -3.50 -6.20 -9.83
CA LYS A 65 -2.90 -5.58 -11.01
C LYS A 65 -3.91 -5.64 -12.15
N LEU A 66 -4.30 -4.46 -12.65
CA LEU A 66 -5.21 -4.36 -13.79
C LEU A 66 -4.46 -4.05 -15.07
N GLY A 67 -3.27 -4.64 -15.23
CA GLY A 67 -2.48 -4.40 -16.42
C GLY A 67 -2.02 -2.96 -16.49
N SER A 68 -2.09 -2.39 -17.70
CA SER A 68 -1.70 -0.99 -17.92
C SER A 68 -2.62 0.01 -17.22
N LEU A 69 -3.68 -0.44 -16.54
CA LEU A 69 -4.60 0.48 -15.88
C LEU A 69 -4.12 0.92 -14.51
N GLY A 70 -3.22 0.17 -13.88
CA GLY A 70 -2.72 0.51 -12.56
C GLY A 70 -2.86 -0.64 -11.60
N THR A 71 -2.56 -0.37 -10.33
CA THR A 71 -2.51 -1.41 -9.30
C THR A 71 -3.19 -0.94 -8.03
N TYR A 72 -4.10 -1.75 -7.52
CA TYR A 72 -4.68 -1.53 -6.19
C TYR A 72 -3.84 -2.24 -5.13
N VAL A 73 -3.74 -1.61 -3.97
CA VAL A 73 -3.05 -2.20 -2.81
C VAL A 73 -3.92 -2.00 -1.58
N LEU A 74 -4.18 -3.08 -0.86
CA LEU A 74 -4.92 -3.04 0.40
C LEU A 74 -4.11 -3.76 1.47
N ASN A 75 -4.14 -3.22 2.69
CA ASN A 75 -3.42 -3.84 3.79
C ASN A 75 -4.01 -3.36 5.11
N LYS A 76 -3.88 -4.20 6.12
CA LYS A 76 -4.27 -3.83 7.48
C LYS A 76 -3.19 -2.97 8.13
N GLN A 77 -3.62 -1.91 8.82
CA GLN A 77 -2.75 -1.13 9.70
C GLN A 77 -3.23 -1.38 11.12
N THR A 78 -2.65 -2.40 11.76
CA THR A 78 -3.15 -2.83 13.06
C THR A 78 -3.03 -1.76 14.15
N PRO A 79 -1.96 -0.97 14.24
CA PRO A 79 -1.92 0.06 15.29
C PRO A 79 -3.05 1.07 15.22
N ASN A 80 -3.57 1.36 14.02
CA ASN A 80 -4.64 2.33 13.85
C ASN A 80 -6.03 1.69 13.77
N ARG A 81 -6.11 0.35 13.77
CA ARG A 81 -7.38 -0.36 13.67
C ARG A 81 -8.10 -0.01 12.36
N GLN A 82 -7.35 0.05 11.27
CA GLN A 82 -7.88 0.55 10.00
C GLN A 82 -7.46 -0.37 8.85
N ILE A 83 -8.24 -0.31 7.77
CA ILE A 83 -7.84 -0.85 6.47
C ILE A 83 -7.40 0.31 5.60
N TRP A 84 -6.22 0.19 4.99
CA TRP A 84 -5.66 1.22 4.13
C TRP A 84 -5.69 0.76 2.68
N MET A 85 -6.04 1.67 1.77
CA MET A 85 -6.12 1.35 0.35
C MET A 85 -5.42 2.42 -0.47
N SER A 86 -4.68 1.99 -1.47
CA SER A 86 -4.09 2.85 -2.48
C SER A 86 -4.72 2.52 -3.82
N SER A 87 -5.23 3.53 -4.51
CA SER A 87 -6.01 3.31 -5.71
C SER A 87 -5.45 4.10 -6.88
N PRO A 88 -5.46 3.51 -8.08
CA PRO A 88 -5.03 4.27 -9.27
C PRO A 88 -6.00 5.35 -9.69
N VAL A 89 -7.24 5.34 -9.18
CA VAL A 89 -8.23 6.33 -9.53
C VAL A 89 -8.26 7.48 -8.52
N SER A 90 -8.28 7.15 -7.23
CA SER A 90 -8.53 8.14 -6.19
C SER A 90 -7.41 8.26 -5.16
N GLY A 91 -6.34 7.50 -5.29
CA GLY A 91 -5.22 7.60 -4.38
C GLY A 91 -5.48 6.95 -3.04
N PRO A 92 -5.02 7.60 -1.97
CA PRO A 92 -5.07 6.99 -0.64
C PRO A 92 -6.38 7.24 0.10
N SER A 93 -6.72 6.29 0.96
CA SER A 93 -7.89 6.41 1.83
C SER A 93 -7.72 5.47 3.02
N ARG A 94 -8.42 5.79 4.11
CA ARG A 94 -8.38 5.01 5.33
C ARG A 94 -9.80 4.72 5.78
N PHE A 95 -10.06 3.49 6.20
CA PHE A 95 -11.42 3.05 6.52
C PHE A 95 -11.49 2.57 7.97
N ASP A 96 -12.52 3.03 8.67
CA ASP A 96 -12.82 2.62 10.03
C ASP A 96 -14.09 1.78 10.04
N TRP A 97 -14.21 0.92 11.03
CA TRP A 97 -15.42 0.12 11.18
C TRP A 97 -16.47 0.94 11.93
N ASP A 98 -17.67 1.02 11.36
CA ASP A 98 -18.77 1.78 11.92
C ASP A 98 -19.80 0.79 12.45
N ARG A 99 -20.02 0.82 13.78
CA ARG A 99 -20.89 -0.15 14.42
C ARG A 99 -22.36 0.07 14.09
N ASP A 100 -22.74 1.29 13.72
CA ASP A 100 -24.13 1.59 13.39
C ASP A 100 -24.46 1.31 11.93
N ALA A 101 -23.51 1.50 11.03
CA ALA A 101 -23.70 1.20 9.62
C ALA A 101 -23.31 -0.23 9.26
N ASN A 102 -22.48 -0.88 10.07
CA ASN A 102 -21.97 -2.22 9.78
C ASN A 102 -21.20 -2.25 8.46
N ALA A 103 -20.24 -1.33 8.32
CA ALA A 103 -19.47 -1.22 7.10
C ALA A 103 -18.17 -0.47 7.41
N TRP A 104 -17.24 -0.54 6.47
CA TRP A 104 -16.00 0.23 6.54
C TRP A 104 -16.20 1.56 5.84
N ILE A 105 -15.84 2.65 6.51
CA ILE A 105 -16.17 4.00 6.05
C ILE A 105 -14.90 4.86 6.06
N TYR A 106 -14.70 5.60 4.96
CA TYR A 106 -13.67 6.64 4.88
C TYR A 106 -14.29 7.93 5.38
N ARG A 107 -13.93 8.33 6.61
CA ARG A 107 -14.64 9.41 7.29
C ARG A 107 -14.42 10.78 6.64
N ARG A 108 -13.35 10.94 5.86
CA ARG A 108 -13.12 12.23 5.21
C ARG A 108 -14.20 12.52 4.16
N THR A 109 -14.76 11.49 3.54
CA THR A 109 -15.79 11.66 2.53
C THR A 109 -17.08 10.90 2.81
N GLU A 110 -17.08 9.95 3.75
CA GLU A 110 -18.21 9.12 4.12
C GLU A 110 -18.55 8.06 3.08
N ALA A 111 -17.61 7.76 2.18
CA ALA A 111 -17.80 6.69 1.21
C ALA A 111 -17.61 5.32 1.87
N LYS A 112 -18.50 4.38 1.55
CA LYS A 112 -18.35 3.01 2.02
C LYS A 112 -17.35 2.25 1.15
N LEU A 113 -16.59 1.35 1.79
CA LEU A 113 -15.48 0.68 1.11
C LEU A 113 -15.96 -0.19 -0.05
N HIS A 114 -16.95 -1.05 0.19
CA HIS A 114 -17.39 -1.95 -0.87
CA HIS A 114 -17.43 -1.95 -0.87
C HIS A 114 -18.09 -1.17 -2.00
N LYS A 115 -18.86 -0.14 -1.66
CA LYS A 115 -19.53 0.64 -2.70
C LYS A 115 -18.53 1.43 -3.53
N LEU A 116 -17.45 1.91 -2.92
CA LEU A 116 -16.45 2.67 -3.67
C LEU A 116 -15.73 1.79 -4.68
N LEU A 117 -15.33 0.58 -4.28
CA LEU A 117 -14.67 -0.33 -5.22
C LEU A 117 -15.62 -0.75 -6.33
N GLU A 118 -16.90 -0.93 -6.00
CA GLU A 118 -17.91 -1.23 -7.01
C GLU A 118 -17.97 -0.11 -8.05
N GLU A 119 -17.94 1.14 -7.60
CA GLU A 119 -18.08 2.27 -8.51
C GLU A 119 -16.85 2.44 -9.40
N GLU A 120 -15.66 2.29 -8.83
CA GLU A 120 -14.43 2.55 -9.57
C GLU A 120 -14.11 1.44 -10.57
N LEU A 121 -14.34 0.18 -10.19
CA LEU A 121 -14.02 -0.92 -11.09
C LEU A 121 -14.91 -0.93 -12.32
N GLU A 122 -16.18 -0.54 -12.17
CA GLU A 122 -17.08 -0.48 -13.31
C GLU A 122 -16.64 0.59 -14.30
N ASN A 123 -16.19 1.74 -13.81
CA ASN A 123 -15.68 2.79 -14.68
C ASN A 123 -14.42 2.35 -15.43
N LEU A 124 -13.57 1.57 -14.75
CA LEU A 124 -12.30 1.18 -15.35
C LEU A 124 -12.44 0.04 -16.34
N CYS A 125 -13.24 -0.98 -16.02
CA CYS A 125 -13.29 -2.21 -16.80
C CYS A 125 -14.58 -2.39 -17.58
N GLY A 126 -15.56 -1.49 -17.40
CA GLY A 126 -16.76 -1.51 -18.20
C GLY A 126 -17.83 -2.50 -17.78
N GLU A 127 -17.52 -3.43 -16.87
CA GLU A 127 -18.51 -4.39 -16.44
C GLU A 127 -18.76 -4.26 -14.94
N PRO A 128 -20.00 -4.40 -14.49
CA PRO A 128 -20.31 -4.22 -13.07
C PRO A 128 -19.85 -5.41 -12.23
N ILE A 129 -19.84 -5.17 -10.92
CA ILE A 129 -19.45 -6.16 -9.93
C ILE A 129 -20.25 -5.86 -8.66
N GLN A 130 -20.55 -6.91 -7.90
CA GLN A 130 -21.35 -6.76 -6.69
C GLN A 130 -20.51 -7.28 -5.51
N LEU A 131 -19.94 -6.35 -4.74
CA LEU A 131 -19.12 -6.67 -3.59
C LEU A 131 -19.86 -6.49 -2.26
N SER A 132 -21.08 -5.98 -2.28
CA SER A 132 -21.86 -5.74 -1.07
C SER A 132 -22.38 -7.02 -0.46
N MET B 21 8.47 9.88 -19.58
CA MET B 21 9.31 8.70 -19.46
C MET B 21 8.69 7.49 -20.14
N GLN B 22 9.48 6.84 -20.98
CA GLN B 22 9.02 5.63 -21.65
C GLN B 22 8.65 4.57 -20.63
N GLU B 23 7.54 3.86 -20.90
CA GLU B 23 7.11 2.79 -20.01
C GLU B 23 8.22 1.78 -19.78
N GLU B 24 9.04 1.54 -20.82
CA GLU B 24 10.15 0.60 -20.67
C GLU B 24 11.19 1.13 -19.69
N GLU B 25 11.56 2.41 -19.85
CA GLU B 25 12.56 3.00 -18.96
C GLU B 25 12.04 3.10 -17.53
N PHE B 26 10.74 3.34 -17.35
CA PHE B 26 10.19 3.39 -16.00
C PHE B 26 10.31 2.06 -15.29
N HIS B 27 10.09 0.96 -16.00
CA HIS B 27 10.16 -0.35 -15.37
C HIS B 27 11.59 -0.71 -14.99
N LYS B 28 12.57 -0.29 -15.80
CA LYS B 28 13.97 -0.55 -15.51
C LYS B 28 14.38 0.11 -14.19
N LEU B 29 14.23 1.43 -14.10
CA LEU B 29 14.68 2.18 -12.92
C LEU B 29 13.94 1.73 -11.67
N ALA B 30 12.61 1.62 -11.76
CA ALA B 30 11.82 1.28 -10.58
C ALA B 30 12.17 -0.10 -10.05
N ASN B 31 12.38 -1.06 -10.95
CA ASN B 31 12.80 -2.38 -10.51
C ASN B 31 14.18 -2.33 -9.86
N PHE B 32 15.07 -1.49 -10.38
CA PHE B 32 16.39 -1.34 -9.78
C PHE B 32 16.30 -0.69 -8.40
N THR B 33 15.53 0.39 -8.28
CA THR B 33 15.42 1.09 -7.00
C THR B 33 14.80 0.20 -5.93
N ILE B 34 13.70 -0.48 -6.27
CA ILE B 34 13.01 -1.30 -5.29
C ILE B 34 13.86 -2.50 -4.89
N ASN B 35 14.53 -3.13 -5.86
CA ASN B 35 15.38 -4.27 -5.54
C ASN B 35 16.57 -3.87 -4.69
N HIS B 36 17.22 -2.74 -5.01
CA HIS B 36 18.31 -2.24 -4.20
C HIS B 36 17.86 -2.02 -2.76
N LEU B 37 16.66 -1.44 -2.58
CA LEU B 37 16.14 -1.22 -1.23
C LEU B 37 15.90 -2.54 -0.52
N LEU B 38 15.41 -3.55 -1.23
CA LEU B 38 15.08 -4.83 -0.60
C LEU B 38 16.29 -5.51 0.00
N GLU B 39 17.43 -5.49 -0.70
CA GLU B 39 18.61 -6.17 -0.18
C GLU B 39 19.16 -5.44 1.04
N LYS B 40 19.13 -4.11 1.04
CA LYS B 40 19.73 -3.36 2.13
C LYS B 40 18.88 -3.45 3.40
N ILE B 41 17.56 -3.50 3.26
CA ILE B 41 16.72 -3.64 4.44
C ILE B 41 16.80 -5.06 5.01
N GLU B 42 17.14 -6.04 4.17
CA GLU B 42 17.37 -7.38 4.69
C GLU B 42 18.64 -7.44 5.51
N ASP B 43 19.72 -6.80 5.04
CA ASP B 43 20.94 -6.71 5.83
C ASP B 43 20.70 -5.94 7.12
N TYR B 44 19.89 -4.87 7.06
CA TYR B 44 19.60 -4.08 8.25
C TYR B 44 18.89 -4.90 9.30
N GLY B 45 17.95 -5.76 8.89
CA GLY B 45 17.23 -6.58 9.84
C GLY B 45 18.09 -7.62 10.54
N ASP B 46 19.20 -8.02 9.90
CA ASP B 46 20.10 -8.99 10.51
C ASP B 46 21.01 -8.34 11.54
N ASN B 47 21.31 -7.05 11.39
CA ASN B 47 22.25 -6.36 12.27
C ASN B 47 21.58 -5.58 13.39
N VAL B 48 20.25 -5.48 13.37
CA VAL B 48 19.48 -4.91 14.48
C VAL B 48 18.50 -5.96 14.97
N GLN B 49 17.94 -5.73 16.14
CA GLN B 49 16.98 -6.65 16.75
C GLN B 49 15.63 -5.97 16.82
N ILE B 50 14.79 -6.25 15.82
CA ILE B 50 13.41 -5.77 15.77
C ILE B 50 12.49 -6.97 15.98
N ASP B 51 11.72 -6.94 17.06
CA ASP B 51 10.74 -8.00 17.33
C ASP B 51 9.66 -7.97 16.26
N GLY B 52 9.60 -9.03 15.45
CA GLY B 52 8.60 -9.11 14.39
C GLY B 52 9.04 -8.59 13.04
N PHE B 53 10.34 -8.44 12.80
CA PHE B 53 10.81 -7.98 11.51
C PHE B 53 10.50 -9.00 10.43
N ASP B 54 10.00 -8.53 9.30
CA ASP B 54 9.66 -9.40 8.19
C ASP B 54 9.51 -8.55 6.93
N ILE B 55 10.41 -8.72 5.98
CA ILE B 55 10.35 -8.04 4.69
C ILE B 55 10.17 -9.10 3.60
N ASP B 56 9.45 -8.72 2.54
CA ASP B 56 9.14 -9.65 1.47
C ASP B 56 8.79 -8.86 0.23
N TYR B 57 8.94 -9.52 -0.92
CA TYR B 57 8.63 -8.93 -2.21
C TYR B 57 7.87 -9.95 -3.05
N GLY B 58 6.85 -9.49 -3.76
CA GLY B 58 6.04 -10.38 -4.56
C GLY B 58 4.96 -9.66 -5.35
N ASN B 59 4.78 -10.06 -6.61
CA ASN B 59 3.81 -9.42 -7.51
C ASN B 59 4.07 -7.93 -7.62
N GLU B 60 5.35 -7.55 -7.62
CA GLU B 60 5.81 -6.18 -7.85
C GLU B 60 5.47 -5.23 -6.70
N VAL B 61 5.25 -5.76 -5.50
CA VAL B 61 4.98 -4.95 -4.32
C VAL B 61 5.99 -5.30 -3.24
N LEU B 62 6.52 -4.27 -2.57
CA LEU B 62 7.48 -4.43 -1.48
C LEU B 62 6.79 -4.15 -0.16
N THR B 63 6.92 -5.08 0.78
CA THR B 63 6.23 -5.00 2.08
C THR B 63 7.26 -5.12 3.20
N LEU B 64 7.27 -4.15 4.10
CA LEU B 64 8.14 -4.17 5.28
C LEU B 64 7.27 -4.10 6.53
N LYS B 65 7.18 -5.20 7.25
CA LYS B 65 6.48 -5.26 8.53
C LYS B 65 7.49 -5.10 9.66
N LEU B 66 7.32 -4.04 10.45
CA LEU B 66 8.18 -3.76 11.60
C LEU B 66 7.52 -4.20 12.91
N GLY B 67 6.83 -5.33 12.90
CA GLY B 67 6.17 -5.81 14.10
C GLY B 67 5.03 -4.89 14.51
N SER B 68 4.93 -4.64 15.82
CA SER B 68 3.89 -3.77 16.37
C SER B 68 4.03 -2.32 15.96
N LEU B 69 5.08 -1.95 15.20
CA LEU B 69 5.28 -0.57 14.81
C LEU B 69 4.49 -0.15 13.58
N GLY B 70 4.06 -1.10 12.76
CA GLY B 70 3.31 -0.80 11.55
C GLY B 70 3.94 -1.46 10.34
N THR B 71 3.40 -1.13 9.17
CA THR B 71 3.79 -1.78 7.93
C THR B 71 4.02 -0.75 6.83
N TYR B 72 5.16 -0.86 6.17
CA TYR B 72 5.44 -0.07 4.97
C TYR B 72 5.01 -0.84 3.73
N VAL B 73 4.50 -0.12 2.73
CA VAL B 73 4.13 -0.70 1.45
C VAL B 73 4.68 0.20 0.34
N LEU B 74 5.41 -0.40 -0.60
CA LEU B 74 5.91 0.31 -1.78
C LEU B 74 5.52 -0.48 -3.01
N ASN B 75 5.14 0.24 -4.07
CA ASN B 75 4.76 -0.41 -5.32
C ASN B 75 4.86 0.58 -6.46
N LYS B 76 5.05 0.05 -7.66
CA LYS B 76 5.05 0.85 -8.88
C LYS B 76 3.62 1.21 -9.29
N GLN B 77 3.42 2.46 -9.69
CA GLN B 77 2.18 2.90 -10.32
C GLN B 77 2.52 3.22 -11.78
N THR B 78 2.36 2.20 -12.63
CA THR B 78 2.82 2.32 -14.01
C THR B 78 2.12 3.41 -14.82
N PRO B 79 0.80 3.63 -14.72
CA PRO B 79 0.19 4.72 -15.50
C PRO B 79 0.76 6.09 -15.19
N ASN B 80 1.20 6.33 -13.96
CA ASN B 80 1.73 7.63 -13.56
C ASN B 80 3.25 7.72 -13.64
N ARG B 81 3.94 6.62 -13.94
CA ARG B 81 5.40 6.60 -13.97
C ARG B 81 5.99 7.00 -12.62
N GLN B 82 5.40 6.46 -11.55
CA GLN B 82 5.73 6.85 -10.20
C GLN B 82 5.93 5.63 -9.32
N ILE B 83 6.68 5.82 -8.24
CA ILE B 83 6.73 4.88 -7.12
C ILE B 83 5.88 5.45 -5.99
N TRP B 84 4.98 4.63 -5.46
CA TRP B 84 4.08 5.03 -4.39
C TRP B 84 4.47 4.32 -3.10
N MET B 85 4.43 5.05 -1.99
CA MET B 85 4.80 4.49 -0.69
C MET B 85 3.76 4.86 0.35
N SER B 86 3.41 3.89 1.19
CA SER B 86 2.57 4.10 2.35
C SER B 86 3.40 3.81 3.61
N SER B 87 3.39 4.75 4.55
CA SER B 87 4.27 4.66 5.70
C SER B 87 3.47 4.77 6.99
N PRO B 88 3.83 3.99 8.02
CA PRO B 88 3.18 4.14 9.33
C PRO B 88 3.56 5.42 10.05
N VAL B 89 4.62 6.10 9.61
CA VAL B 89 5.05 7.35 10.24
C VAL B 89 4.47 8.56 9.52
N SER B 90 4.56 8.59 8.18
CA SER B 90 4.22 9.78 7.41
C SER B 90 3.12 9.57 6.38
N GLY B 91 2.56 8.37 6.27
CA GLY B 91 1.48 8.12 5.35
C GLY B 91 1.89 8.03 3.89
N PRO B 92 1.08 8.60 2.99
CA PRO B 92 1.29 8.43 1.56
C PRO B 92 2.24 9.45 0.95
N SER B 93 2.89 9.03 -0.14
CA SER B 93 3.76 9.91 -0.91
C SER B 93 3.91 9.36 -2.32
N ARG B 94 4.27 10.26 -3.24
CA ARG B 94 4.45 9.92 -4.65
C ARG B 94 5.80 10.45 -5.11
N PHE B 95 6.54 9.64 -5.87
CA PHE B 95 7.92 9.95 -6.24
C PHE B 95 8.09 9.96 -7.76
N ASP B 96 8.76 10.99 -8.26
CA ASP B 96 9.13 11.11 -9.66
C ASP B 96 10.64 10.98 -9.81
N TRP B 97 11.09 10.50 -10.96
CA TRP B 97 12.52 10.40 -11.23
C TRP B 97 13.06 11.72 -11.76
N ASP B 98 14.11 12.23 -11.11
CA ASP B 98 14.77 13.47 -11.50
C ASP B 98 16.13 13.14 -12.09
N ARG B 99 16.32 13.49 -13.36
CA ARG B 99 17.53 13.09 -14.08
C ARG B 99 18.79 13.82 -13.58
N ASP B 100 18.64 15.00 -12.99
CA ASP B 100 19.81 15.75 -12.54
C ASP B 100 20.25 15.36 -11.15
N ALA B 101 19.32 14.99 -10.26
CA ALA B 101 19.67 14.52 -8.93
C ALA B 101 19.91 13.02 -8.87
N ASN B 102 19.40 12.26 -9.85
CA ASN B 102 19.49 10.81 -9.85
C ASN B 102 18.83 10.21 -8.61
N ALA B 103 17.58 10.60 -8.38
CA ALA B 103 16.84 10.14 -7.21
C ALA B 103 15.35 10.31 -7.47
N TRP B 104 14.55 9.66 -6.64
CA TRP B 104 13.10 9.80 -6.67
C TRP B 104 12.68 10.90 -5.71
N ILE B 105 11.81 11.80 -6.19
CA ILE B 105 11.48 13.04 -5.49
C ILE B 105 9.98 13.13 -5.31
N TYR B 106 9.56 13.45 -4.08
CA TYR B 106 8.18 13.81 -3.77
C TYR B 106 8.07 15.32 -3.96
N ARG B 107 7.46 15.75 -5.06
CA ARG B 107 7.50 17.16 -5.45
C ARG B 107 6.76 18.06 -4.46
N ARG B 108 5.81 17.51 -3.70
CA ARG B 108 5.10 18.31 -2.72
C ARG B 108 6.02 18.78 -1.60
N THR B 109 7.05 17.99 -1.27
CA THR B 109 7.97 18.34 -0.21
C THR B 109 9.44 18.36 -0.63
N GLU B 110 9.78 17.83 -1.80
CA GLU B 110 11.14 17.77 -2.32
C GLU B 110 12.00 16.73 -1.59
N ALA B 111 11.36 15.81 -0.87
CA ALA B 111 12.09 14.75 -0.19
C ALA B 111 12.53 13.67 -1.17
N LYS B 112 13.78 13.22 -1.01
CA LYS B 112 14.28 12.08 -1.76
C LYS B 112 13.79 10.78 -1.13
N LEU B 113 13.52 9.79 -1.96
CA LEU B 113 12.92 8.54 -1.47
C LEU B 113 13.87 7.81 -0.53
N HIS B 114 15.14 7.69 -0.91
CA HIS B 114 16.07 6.93 -0.09
C HIS B 114 16.46 7.66 1.19
N LYS B 115 16.56 9.00 1.13
CA LYS B 115 16.90 9.75 2.32
C LYS B 115 15.75 9.77 3.32
N LEU B 116 14.52 9.74 2.84
CA LEU B 116 13.36 9.71 3.73
C LEU B 116 13.30 8.39 4.51
N LEU B 117 13.52 7.27 3.81
CA LEU B 117 13.51 5.97 4.47
C LEU B 117 14.67 5.82 5.45
N GLU B 118 15.82 6.41 5.14
CA GLU B 118 16.96 6.38 6.07
C GLU B 118 16.62 7.02 7.40
N GLU B 119 15.93 8.17 7.36
CA GLU B 119 15.65 8.90 8.59
C GLU B 119 14.62 8.19 9.47
N GLU B 120 13.59 7.62 8.85
CA GLU B 120 12.50 7.03 9.64
C GLU B 120 12.92 5.71 10.27
N LEU B 121 13.68 4.89 9.55
CA LEU B 121 14.12 3.62 10.12
C LEU B 121 15.09 3.83 11.26
N GLU B 122 15.95 4.85 11.18
CA GLU B 122 16.87 5.14 12.27
C GLU B 122 16.12 5.62 13.50
N ASN B 123 15.11 6.47 13.32
CA ASN B 123 14.30 6.91 14.45
C ASN B 123 13.54 5.75 15.08
N LEU B 124 13.10 4.79 14.25
CA LEU B 124 12.32 3.68 14.75
C LEU B 124 13.19 2.62 15.42
N CYS B 125 14.35 2.32 14.82
CA CYS B 125 15.17 1.18 15.23
C CYS B 125 16.45 1.58 15.93
N GLY B 126 16.77 2.88 16.00
CA GLY B 126 17.91 3.34 16.76
C GLY B 126 19.25 3.23 16.07
N GLU B 127 19.33 2.54 14.93
CA GLU B 127 20.61 2.38 14.25
C GLU B 127 20.57 3.00 12.86
N PRO B 128 21.68 3.60 12.41
CA PRO B 128 21.69 4.24 11.08
C PRO B 128 21.71 3.20 9.97
N ILE B 129 21.43 3.67 8.76
CA ILE B 129 21.37 2.81 7.59
C ILE B 129 21.80 3.60 6.36
N GLN B 130 22.35 2.90 5.38
CA GLN B 130 22.85 3.49 4.13
C GLN B 130 22.06 2.89 2.98
N LEU B 131 21.10 3.65 2.44
CA LEU B 131 20.29 3.20 1.33
C LEU B 131 20.70 3.82 -0.02
N SER B 132 21.64 4.75 -0.01
CA SER B 132 22.07 5.39 -1.26
C SER B 132 22.93 4.45 -2.09
#